data_3MFB
#
_entry.id   3MFB
#
_cell.length_a   50.076
_cell.length_b   52.307
_cell.length_c   62.161
_cell.angle_alpha   69.500
_cell.angle_beta   90.040
_cell.angle_gamma   90.040
#
_symmetry.space_group_name_H-M   'P 1'
#
loop_
_entity.id
_entity.type
_entity.pdbx_description
1 polymer 'Uncharacterized protein'
2 water water
#
_entity_poly.entity_id   1
_entity_poly.type   'polypeptide(L)'
_entity_poly.pdbx_seq_one_letter_code
;(MSE)LLTPEKLLEAANKQGTVPSRVRYQW(MSE)EDEETGRLKAVGYHTS(MSE)ESGRDQVRVRLLKHDFPNNRYEFW
EEGATGPTILWTPDNPGIELPTDTAHGEQPVIPSAIPGLEIPE(MSE)DDVSILATP(MSE)PDEKDFRDYILVFPENAF
PPIYVYLSKLEHHHHHH
;
_entity_poly.pdbx_strand_id   A,B,C,D
#
# COMPACT_ATOMS: atom_id res chain seq x y z
N LEU A 2 -6.22 -22.82 -21.79
CA LEU A 2 -6.05 -22.25 -20.46
C LEU A 2 -6.28 -23.30 -19.39
N LEU A 3 -5.55 -23.21 -18.29
CA LEU A 3 -5.68 -24.18 -17.20
C LEU A 3 -6.84 -23.82 -16.30
N THR A 4 -8.03 -23.75 -16.90
CA THR A 4 -9.26 -23.42 -16.18
C THR A 4 -9.63 -24.49 -15.15
N PRO A 5 -10.62 -24.20 -14.30
CA PRO A 5 -11.03 -25.19 -13.30
C PRO A 5 -11.49 -26.47 -13.99
N GLU A 6 -12.08 -26.32 -15.18
CA GLU A 6 -12.56 -27.47 -15.94
C GLU A 6 -11.41 -28.33 -16.43
N LYS A 7 -10.36 -27.68 -16.93
CA LYS A 7 -9.20 -28.40 -17.41
C LYS A 7 -8.51 -29.12 -16.25
N LEU A 8 -8.36 -28.43 -15.12
CA LEU A 8 -7.71 -29.03 -13.96
C LEU A 8 -8.50 -30.24 -13.46
N LEU A 9 -9.82 -30.17 -13.61
CA LEU A 9 -10.70 -31.26 -13.18
C LEU A 9 -10.53 -32.42 -14.16
N GLU A 10 -10.29 -32.10 -15.42
CA GLU A 10 -10.09 -33.12 -16.45
C GLU A 10 -8.81 -33.88 -16.10
N ALA A 11 -7.80 -33.17 -15.62
CA ALA A 11 -6.53 -33.80 -15.25
C ALA A 11 -6.67 -34.62 -13.97
N ALA A 12 -7.38 -34.07 -13.00
CA ALA A 12 -7.57 -34.76 -11.74
C ALA A 12 -8.38 -36.04 -11.89
N ASN A 13 -9.49 -35.97 -12.63
CA ASN A 13 -10.35 -37.13 -12.80
C ASN A 13 -9.63 -38.35 -13.34
N LYS A 14 -8.55 -38.14 -14.07
CA LYS A 14 -7.81 -39.27 -14.62
C LYS A 14 -6.43 -39.45 -13.97
N GLN A 15 -6.22 -38.86 -12.79
CA GLN A 15 -4.94 -38.98 -12.10
C GLN A 15 -3.84 -38.51 -13.03
N GLY A 16 -4.10 -37.43 -13.75
CA GLY A 16 -3.13 -36.89 -14.69
C GLY A 16 -2.22 -35.83 -14.12
N THR A 17 -1.65 -35.01 -15.00
CA THR A 17 -0.71 -33.98 -14.57
C THR A 17 -0.85 -32.73 -15.42
N VAL A 18 -0.12 -31.68 -15.02
CA VAL A 18 -0.08 -30.43 -15.77
C VAL A 18 1.32 -29.89 -15.61
N PRO A 19 1.85 -29.25 -16.66
CA PRO A 19 3.20 -28.69 -16.62
C PRO A 19 3.27 -27.52 -15.63
N SER A 20 4.49 -27.25 -15.15
CA SER A 20 4.77 -26.13 -14.25
C SER A 20 6.22 -25.74 -14.40
N ARG A 21 6.43 -24.45 -14.61
CA ARG A 21 7.76 -23.88 -14.79
C ARG A 21 8.58 -23.98 -13.50
N VAL A 22 7.89 -24.16 -12.37
CA VAL A 22 8.60 -24.24 -11.10
C VAL A 22 8.01 -25.31 -10.21
N ARG A 23 8.87 -26.01 -9.47
CA ARG A 23 8.42 -27.06 -8.56
C ARG A 23 9.18 -26.87 -7.25
N TYR A 24 8.53 -27.22 -6.14
CA TYR A 24 9.17 -27.07 -4.83
C TYR A 24 9.40 -28.39 -4.10
N GLN A 25 10.31 -28.35 -3.15
CA GLN A 25 10.68 -29.54 -2.42
C GLN A 25 11.22 -29.18 -1.04
N TRP A 26 11.18 -30.14 -0.12
CA TRP A 26 11.73 -29.94 1.21
C TRP A 26 13.02 -30.73 1.23
N GLU A 28 16.53 -32.13 2.78
CA GLU A 28 16.94 -32.56 4.10
C GLU A 28 18.45 -32.62 4.30
N ASP A 29 18.89 -32.20 5.49
CA ASP A 29 20.30 -32.22 5.87
C ASP A 29 20.56 -33.55 6.57
N GLU A 30 21.22 -34.47 5.87
CA GLU A 30 21.51 -35.80 6.41
C GLU A 30 22.31 -35.81 7.71
N GLU A 31 22.76 -34.63 8.14
CA GLU A 31 23.55 -34.52 9.36
C GLU A 31 22.79 -34.00 10.58
N THR A 32 21.64 -33.37 10.36
CA THR A 32 20.85 -32.84 11.47
C THR A 32 19.38 -33.20 11.37
N GLY A 33 18.95 -33.58 10.18
CA GLY A 33 17.55 -33.93 9.99
C GLY A 33 16.73 -32.68 9.68
N ARG A 34 17.34 -31.51 9.81
CA ARG A 34 16.64 -30.25 9.54
C ARG A 34 16.23 -30.19 8.08
N LEU A 35 15.12 -29.53 7.82
CA LEU A 35 14.62 -29.42 6.45
C LEU A 35 14.66 -27.98 5.95
N LYS A 36 14.68 -27.83 4.64
CA LYS A 36 14.71 -26.51 4.02
C LYS A 36 13.90 -26.50 2.74
N ALA A 37 13.03 -25.52 2.62
CA ALA A 37 12.20 -25.39 1.42
C ALA A 37 13.05 -24.78 0.31
N VAL A 38 13.00 -25.38 -0.89
CA VAL A 38 13.74 -24.91 -2.06
C VAL A 38 12.94 -25.20 -3.30
N GLY A 39 13.09 -24.35 -4.32
CA GLY A 39 12.36 -24.58 -5.56
C GLY A 39 13.30 -24.70 -6.74
N TYR A 40 12.78 -25.12 -7.89
CA TYR A 40 13.62 -25.27 -9.06
C TYR A 40 12.86 -24.86 -10.31
N HIS A 41 13.59 -24.35 -11.29
CA HIS A 41 13.00 -23.98 -12.56
C HIS A 41 13.10 -25.26 -13.37
N THR A 42 11.95 -25.76 -13.81
CA THR A 42 11.86 -27.00 -14.55
C THR A 42 12.06 -26.78 -16.04
N SER A 43 12.43 -27.86 -16.73
CA SER A 43 12.64 -27.77 -18.16
C SER A 43 11.72 -28.71 -18.91
N GLU A 45 12.16 -29.68 -21.80
CA GLU A 45 13.11 -30.60 -22.43
C GLU A 45 13.33 -31.79 -21.51
N SER A 46 13.55 -31.49 -20.24
CA SER A 46 13.77 -32.50 -19.21
C SER A 46 12.63 -33.51 -19.10
N GLY A 47 11.43 -33.00 -18.86
CA GLY A 47 10.28 -33.87 -18.71
C GLY A 47 9.89 -33.89 -17.24
N ARG A 48 10.68 -33.21 -16.41
CA ARG A 48 10.36 -33.18 -15.00
C ARG A 48 9.56 -31.93 -14.62
N ASP A 49 8.84 -31.37 -15.58
CA ASP A 49 8.02 -30.18 -15.34
C ASP A 49 6.56 -30.52 -15.05
N GLN A 50 6.19 -31.79 -15.10
CA GLN A 50 4.81 -32.20 -14.85
C GLN A 50 4.51 -32.34 -13.35
N VAL A 51 3.35 -31.84 -12.93
CA VAL A 51 2.94 -31.93 -11.53
C VAL A 51 1.62 -32.70 -11.48
N ARG A 52 1.53 -33.65 -10.57
CA ARG A 52 0.33 -34.47 -10.43
C ARG A 52 -0.86 -33.68 -9.93
N VAL A 53 -2.02 -33.88 -10.58
CA VAL A 53 -3.25 -33.20 -10.18
C VAL A 53 -4.19 -34.25 -9.56
N ARG A 54 -4.73 -33.96 -8.39
CA ARG A 54 -5.63 -34.90 -7.73
C ARG A 54 -6.85 -34.21 -7.15
N LEU A 55 -7.99 -34.90 -7.25
CA LEU A 55 -9.23 -34.36 -6.75
C LEU A 55 -9.40 -34.73 -5.28
N LEU A 56 -9.70 -33.74 -4.45
CA LEU A 56 -9.91 -33.98 -3.03
C LEU A 56 -11.31 -34.57 -2.83
N LYS A 57 -11.46 -35.43 -1.83
CA LYS A 57 -12.76 -36.03 -1.56
C LYS A 57 -13.34 -35.38 -0.33
N HIS A 58 -14.64 -35.14 -0.35
CA HIS A 58 -15.29 -34.51 0.79
C HIS A 58 -15.73 -35.59 1.79
N ASP A 59 -15.28 -35.49 3.04
CA ASP A 59 -15.63 -36.46 4.07
C ASP A 59 -16.60 -35.74 5.02
N PHE A 60 -17.89 -35.80 4.71
CA PHE A 60 -18.88 -35.11 5.53
C PHE A 60 -18.93 -35.55 6.99
N PRO A 61 -18.89 -36.87 7.23
CA PRO A 61 -18.93 -37.35 8.62
C PRO A 61 -17.83 -36.66 9.44
N ASN A 62 -16.73 -36.31 8.80
CA ASN A 62 -15.65 -35.64 9.54
C ASN A 62 -15.53 -34.16 9.22
N ASN A 63 -16.43 -33.65 8.39
CA ASN A 63 -16.43 -32.24 8.01
C ASN A 63 -15.03 -31.80 7.53
N ARG A 64 -14.51 -32.53 6.55
CA ARG A 64 -13.20 -32.27 5.99
C ARG A 64 -13.08 -32.75 4.55
N TYR A 65 -12.04 -32.29 3.89
CA TYR A 65 -11.72 -32.67 2.53
C TYR A 65 -10.46 -33.50 2.73
N GLU A 66 -10.32 -34.60 2.02
CA GLU A 66 -9.12 -35.41 2.20
C GLU A 66 -8.56 -36.00 0.92
N PHE A 67 -7.26 -36.27 0.95
CA PHE A 67 -6.58 -36.87 -0.17
C PHE A 67 -5.77 -38.05 0.31
N TRP A 68 -5.92 -39.18 -0.36
CA TRP A 68 -5.20 -40.39 -0.01
C TRP A 68 -4.15 -40.67 -1.07
N GLU A 69 -2.88 -40.74 -0.68
CA GLU A 69 -1.82 -41.04 -1.64
C GLU A 69 -2.02 -42.49 -2.05
N GLU A 70 -1.35 -42.89 -3.12
CA GLU A 70 -1.42 -44.25 -3.61
C GLU A 70 -0.89 -45.25 -2.60
N GLY A 71 -1.72 -46.24 -2.26
CA GLY A 71 -1.30 -47.28 -1.32
C GLY A 71 -1.33 -46.85 0.14
N ALA A 72 -1.92 -45.70 0.41
CA ALA A 72 -2.00 -45.23 1.79
C ALA A 72 -3.09 -45.96 2.58
N THR A 73 -2.87 -46.14 3.87
CA THR A 73 -3.83 -46.83 4.71
C THR A 73 -4.61 -45.82 5.51
N GLY A 74 -4.39 -44.54 5.24
CA GLY A 74 -5.09 -43.48 5.94
C GLY A 74 -4.96 -42.16 5.18
N PRO A 75 -5.82 -41.18 5.45
CA PRO A 75 -5.72 -39.91 4.73
C PRO A 75 -4.33 -39.28 4.85
N THR A 76 -3.81 -38.73 3.77
CA THR A 76 -2.48 -38.11 3.79
C THR A 76 -2.56 -36.61 4.01
N ILE A 77 -3.49 -35.96 3.32
CA ILE A 77 -3.67 -34.52 3.43
C ILE A 77 -5.12 -34.19 3.75
N LEU A 78 -5.33 -33.29 4.71
CA LEU A 78 -6.68 -32.89 5.10
C LEU A 78 -6.88 -31.38 4.95
N TRP A 79 -8.12 -30.97 4.75
CA TRP A 79 -8.46 -29.55 4.61
C TRP A 79 -9.85 -29.37 5.21
N THR A 80 -9.92 -28.71 6.36
CA THR A 80 -11.19 -28.46 7.02
C THR A 80 -11.59 -26.99 6.84
N PRO A 81 -12.77 -26.74 6.27
CA PRO A 81 -13.27 -25.37 6.04
C PRO A 81 -13.53 -24.56 7.31
N ASP A 82 -13.17 -25.13 8.45
CA ASP A 82 -13.35 -24.47 9.75
C ASP A 82 -12.13 -23.62 10.12
N ASN A 83 -10.96 -24.03 9.64
CA ASN A 83 -9.74 -23.29 9.93
C ASN A 83 -9.56 -22.16 8.93
N PRO A 84 -9.21 -22.47 7.67
CA PRO A 84 -8.96 -23.76 7.03
C PRO A 84 -7.45 -23.93 6.84
N GLY A 85 -7.05 -24.55 5.72
CA GLY A 85 -5.64 -24.74 5.45
C GLY A 85 -5.20 -26.19 5.29
N ILE A 86 -3.99 -26.40 4.81
CA ILE A 86 -3.46 -27.74 4.63
C ILE A 86 -3.00 -28.32 5.96
N GLU A 87 -3.46 -29.52 6.28
CA GLU A 87 -3.04 -30.19 7.50
C GLU A 87 -2.80 -31.65 7.20
N LEU A 88 -1.84 -32.25 7.90
CA LEU A 88 -1.52 -33.66 7.73
C LEU A 88 -1.59 -34.38 9.07
N PRO A 89 -2.10 -35.63 9.09
CA PRO A 89 -2.19 -36.39 10.34
C PRO A 89 -0.81 -36.82 10.82
N THR A 90 0.19 -36.63 9.95
CA THR A 90 1.55 -36.95 10.29
C THR A 90 2.31 -35.67 10.61
N ASP A 91 3.57 -35.81 11.02
CA ASP A 91 4.37 -34.66 11.37
C ASP A 91 5.37 -34.32 10.26
N THR A 92 4.90 -34.35 9.02
CA THR A 92 5.76 -34.05 7.88
C THR A 92 5.58 -32.60 7.45
N ALA A 93 6.63 -32.03 6.87
CA ALA A 93 6.57 -30.65 6.42
C ALA A 93 5.69 -30.50 5.20
N HIS A 94 5.13 -29.30 5.04
CA HIS A 94 4.28 -28.98 3.90
C HIS A 94 4.23 -27.48 3.66
N GLY A 95 4.25 -27.12 2.37
CA GLY A 95 4.15 -25.73 1.96
C GLY A 95 3.05 -25.70 0.91
N GLU A 96 2.42 -24.56 0.70
CA GLU A 96 1.35 -24.48 -0.28
C GLU A 96 1.04 -23.08 -0.75
N GLN A 97 0.40 -22.97 -1.90
CA GLN A 97 0.03 -21.67 -2.44
C GLN A 97 -1.05 -21.90 -3.48
N PRO A 98 -2.12 -21.08 -3.44
CA PRO A 98 -3.20 -21.26 -4.41
C PRO A 98 -2.67 -21.11 -5.84
N VAL A 99 -3.26 -21.87 -6.75
CA VAL A 99 -2.85 -21.83 -8.15
C VAL A 99 -3.43 -20.57 -8.79
N ILE A 100 -2.74 -20.02 -9.78
CA ILE A 100 -3.23 -18.83 -10.49
C ILE A 100 -4.40 -19.27 -11.38
N PRO A 101 -5.58 -18.67 -11.18
CA PRO A 101 -6.80 -18.98 -11.93
C PRO A 101 -6.68 -18.87 -13.45
N SER A 102 -7.10 -19.91 -14.16
CA SER A 102 -7.09 -19.92 -15.62
C SER A 102 -5.83 -19.32 -16.25
N ALA A 103 -4.67 -19.80 -15.83
CA ALA A 103 -3.40 -19.28 -16.34
C ALA A 103 -2.88 -20.07 -17.52
N ILE A 104 -1.84 -19.55 -18.16
CA ILE A 104 -1.21 -20.21 -19.30
C ILE A 104 -0.57 -21.50 -18.75
N PRO A 105 -0.79 -22.64 -19.42
CA PRO A 105 -0.23 -23.92 -18.98
C PRO A 105 1.27 -23.80 -18.72
N GLY A 106 1.67 -24.00 -17.48
CA GLY A 106 3.08 -23.88 -17.13
C GLY A 106 3.35 -22.69 -16.23
N LEU A 107 2.39 -21.78 -16.12
CA LEU A 107 2.58 -20.58 -15.30
C LEU A 107 1.55 -20.47 -14.20
N GLU A 108 0.82 -21.55 -13.95
CA GLU A 108 -0.23 -21.56 -12.94
C GLU A 108 0.26 -21.55 -11.50
N ILE A 109 1.52 -21.88 -11.28
CA ILE A 109 2.05 -21.90 -9.92
C ILE A 109 2.94 -20.70 -9.62
N PRO A 110 2.48 -19.79 -8.73
CA PRO A 110 3.28 -18.61 -8.38
C PRO A 110 4.46 -19.06 -7.54
N GLU A 111 5.58 -18.34 -7.65
CA GLU A 111 6.75 -18.71 -6.90
C GLU A 111 6.59 -18.39 -5.41
N ASP A 113 6.91 -17.46 -1.59
CA ASP A 113 7.58 -16.28 -1.06
C ASP A 113 8.66 -16.66 -0.05
N ASP A 114 9.78 -15.96 -0.12
CA ASP A 114 10.88 -16.22 0.79
C ASP A 114 11.35 -17.66 0.67
N VAL A 115 11.30 -18.21 -0.54
CA VAL A 115 11.77 -19.57 -0.80
C VAL A 115 12.75 -19.48 -1.97
N SER A 116 14.01 -19.74 -1.68
CA SER A 116 15.03 -19.66 -2.70
C SER A 116 14.91 -20.69 -3.82
N ILE A 117 15.16 -20.24 -5.04
CA ILE A 117 15.13 -21.10 -6.21
C ILE A 117 16.59 -21.38 -6.56
N LEU A 118 16.98 -22.64 -6.43
CA LEU A 118 18.35 -23.06 -6.71
C LEU A 118 18.56 -23.32 -8.19
N ALA A 119 19.75 -22.99 -8.70
CA ALA A 119 20.09 -23.21 -10.10
C ALA A 119 20.97 -24.44 -10.22
N THR A 120 20.54 -25.53 -9.61
CA THR A 120 21.29 -26.77 -9.64
C THR A 120 20.60 -27.75 -10.58
N PRO A 121 21.28 -28.85 -10.94
CA PRO A 121 20.61 -29.79 -11.84
C PRO A 121 19.33 -30.33 -11.18
N PRO A 123 16.64 -32.36 -9.44
CA PRO A 123 16.68 -33.53 -8.56
C PRO A 123 15.86 -34.68 -9.15
N ASP A 124 16.08 -35.91 -8.67
CA ASP A 124 15.32 -37.05 -9.15
C ASP A 124 13.87 -36.93 -8.70
N GLU A 125 12.94 -37.34 -9.55
CA GLU A 125 11.51 -37.28 -9.23
C GLU A 125 11.23 -37.87 -7.83
N LYS A 126 12.04 -38.85 -7.42
CA LYS A 126 11.88 -39.50 -6.12
C LYS A 126 11.98 -38.52 -4.95
N ASP A 127 12.67 -37.41 -5.16
CA ASP A 127 12.83 -36.42 -4.09
C ASP A 127 11.77 -35.35 -4.10
N PHE A 128 10.80 -35.49 -5.00
CA PHE A 128 9.69 -34.55 -5.09
C PHE A 128 8.43 -35.23 -4.62
N ARG A 129 7.62 -34.49 -3.86
CA ARG A 129 6.37 -35.02 -3.36
C ARG A 129 5.39 -33.87 -3.34
N ASP A 130 5.00 -33.44 -4.54
CA ASP A 130 4.07 -32.34 -4.69
C ASP A 130 2.81 -32.73 -5.43
N TYR A 131 1.78 -31.90 -5.31
CA TYR A 131 0.50 -32.14 -5.94
C TYR A 131 -0.23 -30.84 -6.15
N ILE A 132 -1.23 -30.89 -7.02
CA ILE A 132 -2.12 -29.76 -7.23
C ILE A 132 -3.43 -30.44 -6.81
N LEU A 133 -4.01 -29.96 -5.71
CA LEU A 133 -5.23 -30.53 -5.19
C LEU A 133 -6.45 -29.73 -5.66
N VAL A 134 -7.40 -30.44 -6.26
CA VAL A 134 -8.61 -29.81 -6.75
C VAL A 134 -9.79 -30.16 -5.85
N PHE A 135 -10.60 -29.15 -5.54
CA PHE A 135 -11.80 -29.34 -4.71
C PHE A 135 -12.97 -29.75 -5.58
N PRO A 136 -13.91 -30.54 -5.03
CA PRO A 136 -15.10 -30.99 -5.77
C PRO A 136 -15.87 -29.95 -6.57
N GLU A 137 -16.60 -29.08 -5.89
CA GLU A 137 -17.38 -28.05 -6.60
C GLU A 137 -16.63 -26.74 -6.56
N ASN A 138 -15.31 -26.81 -6.44
CA ASN A 138 -14.50 -25.61 -6.38
C ASN A 138 -14.87 -24.82 -5.14
N ALA A 139 -15.26 -25.52 -4.09
CA ALA A 139 -15.63 -24.85 -2.85
C ALA A 139 -14.44 -24.01 -2.42
N PHE A 140 -13.27 -24.38 -2.93
CA PHE A 140 -12.04 -23.69 -2.64
C PHE A 140 -11.21 -23.71 -3.92
N PRO A 141 -10.34 -22.70 -4.10
CA PRO A 141 -9.52 -22.67 -5.31
C PRO A 141 -8.44 -23.75 -5.30
N PRO A 142 -8.05 -24.24 -6.49
CA PRO A 142 -7.02 -25.29 -6.54
C PRO A 142 -5.76 -24.83 -5.81
N ILE A 143 -5.11 -25.75 -5.13
CA ILE A 143 -3.92 -25.41 -4.39
C ILE A 143 -2.74 -26.36 -4.61
N TYR A 144 -1.56 -25.77 -4.79
CA TYR A 144 -0.33 -26.54 -4.99
C TYR A 144 0.28 -26.79 -3.63
N VAL A 145 0.68 -28.03 -3.38
CA VAL A 145 1.29 -28.37 -2.09
C VAL A 145 2.51 -29.28 -2.30
N TYR A 146 3.58 -29.05 -1.54
CA TYR A 146 4.78 -29.88 -1.63
C TYR A 146 5.09 -30.33 -0.20
N LEU A 147 5.21 -31.64 -0.03
CA LEU A 147 5.45 -32.24 1.27
C LEU A 147 6.87 -32.78 1.37
N SER A 148 7.36 -32.95 2.59
CA SER A 148 8.69 -33.51 2.76
C SER A 148 8.61 -34.99 2.43
N LYS A 149 9.76 -35.61 2.16
CA LYS A 149 9.81 -37.04 1.82
C LYS A 149 9.08 -37.91 2.85
N LEU A 150 8.41 -38.95 2.37
CA LEU A 150 7.67 -39.85 3.25
C LEU A 150 8.61 -40.78 4.03
N LEU B 2 0.01 17.72 30.87
CA LEU B 2 -0.26 17.72 29.44
C LEU B 2 0.58 16.67 28.73
N LEU B 3 0.01 16.05 27.71
CA LEU B 3 0.71 15.02 26.95
C LEU B 3 1.64 15.63 25.92
N THR B 4 2.58 16.44 26.40
CA THR B 4 3.56 17.11 25.55
C THR B 4 4.51 16.12 24.89
N PRO B 5 5.33 16.60 23.95
CA PRO B 5 6.27 15.70 23.28
C PRO B 5 7.22 15.09 24.29
N GLU B 6 7.53 15.83 25.35
CA GLU B 6 8.43 15.35 26.40
C GLU B 6 7.77 14.22 27.19
N LYS B 7 6.49 14.38 27.51
CA LYS B 7 5.79 13.35 28.26
C LYS B 7 5.66 12.10 27.40
N LEU B 8 5.33 12.26 26.13
CA LEU B 8 5.19 11.10 25.24
C LEU B 8 6.52 10.36 25.10
N LEU B 9 7.61 11.12 25.15
CA LEU B 9 8.94 10.54 25.03
C LEU B 9 9.26 9.79 26.33
N GLU B 10 8.76 10.30 27.45
CA GLU B 10 8.96 9.66 28.75
C GLU B 10 8.28 8.30 28.72
N ALA B 11 7.11 8.24 28.08
CA ALA B 11 6.36 6.98 27.99
C ALA B 11 7.00 6.03 27.00
N ALA B 12 7.47 6.56 25.88
CA ALA B 12 8.09 5.71 24.87
C ALA B 12 9.41 5.12 25.34
N ASN B 13 10.24 5.93 25.98
CA ASN B 13 11.54 5.45 26.46
C ASN B 13 11.45 4.24 27.37
N LYS B 14 10.34 4.10 28.07
CA LYS B 14 10.18 2.96 28.98
C LYS B 14 9.14 1.94 28.48
N GLN B 15 8.80 1.98 27.19
CA GLN B 15 7.83 1.05 26.64
C GLN B 15 6.53 1.16 27.43
N GLY B 16 6.16 2.39 27.76
CA GLY B 16 4.96 2.62 28.54
C GLY B 16 3.71 2.86 27.73
N THR B 17 2.73 3.50 28.35
CA THR B 17 1.45 3.77 27.68
C THR B 17 0.88 5.11 28.09
N VAL B 18 -0.22 5.48 27.45
CA VAL B 18 -0.95 6.71 27.77
C VAL B 18 -2.42 6.42 27.53
N PRO B 19 -3.29 6.97 28.38
CA PRO B 19 -4.72 6.76 28.24
C PRO B 19 -5.25 7.39 26.95
N SER B 20 -6.38 6.88 26.46
CA SER B 20 -7.07 7.40 25.29
C SER B 20 -8.54 7.04 25.39
N ARG B 21 -9.37 8.06 25.19
CA ARG B 21 -10.82 7.92 25.25
C ARG B 21 -11.33 7.06 24.10
N VAL B 22 -10.54 6.92 23.04
CA VAL B 22 -10.97 6.14 21.90
C VAL B 22 -9.85 5.30 21.35
N ARG B 23 -10.19 4.08 20.92
CA ARG B 23 -9.21 3.18 20.33
C ARG B 23 -9.79 2.58 19.06
N TYR B 24 -8.94 2.26 18.09
CA TYR B 24 -9.42 1.72 16.82
C TYR B 24 -8.88 0.32 16.52
N GLN B 25 -9.62 -0.39 15.67
CA GLN B 25 -9.27 -1.75 15.34
C GLN B 25 -9.77 -2.12 13.95
N TRP B 26 -9.17 -3.15 13.37
CA TRP B 26 -9.58 -3.65 12.08
C TRP B 26 -10.31 -4.94 12.36
N GLU B 28 -12.50 -8.28 11.49
CA GLU B 28 -12.50 -9.22 10.38
C GLU B 28 -13.76 -10.07 10.29
N ASP B 29 -14.21 -10.29 9.06
CA ASP B 29 -15.39 -11.11 8.77
C ASP B 29 -14.89 -12.53 8.53
N GLU B 30 -15.08 -13.41 9.50
CA GLU B 30 -14.63 -14.80 9.43
C GLU B 30 -15.18 -15.57 8.23
N GLU B 31 -16.11 -14.95 7.48
CA GLU B 31 -16.71 -15.60 6.33
C GLU B 31 -16.16 -15.16 4.97
N THR B 32 -15.50 -14.01 4.93
CA THR B 32 -14.95 -13.51 3.67
C THR B 32 -13.51 -13.05 3.80
N GLY B 33 -13.08 -12.80 5.03
CA GLY B 33 -11.73 -12.33 5.24
C GLY B 33 -11.64 -10.82 5.10
N ARG B 34 -12.74 -10.19 4.66
CA ARG B 34 -12.77 -8.75 4.50
C ARG B 34 -12.61 -8.07 5.85
N LEU B 35 -11.99 -6.89 5.84
CA LEU B 35 -11.77 -6.17 7.08
C LEU B 35 -12.56 -4.86 7.11
N LYS B 36 -12.80 -4.37 8.32
CA LYS B 36 -13.53 -3.13 8.50
C LYS B 36 -12.97 -2.35 9.69
N ALA B 37 -12.71 -1.07 9.47
CA ALA B 37 -12.18 -0.23 10.53
C ALA B 37 -13.34 0.17 11.44
N VAL B 38 -13.13 0.04 12.76
CA VAL B 38 -14.12 0.40 13.77
C VAL B 38 -13.40 0.93 15.00
N GLY B 39 -14.05 1.83 15.72
CA GLY B 39 -13.45 2.37 16.92
C GLY B 39 -14.33 2.16 18.13
N TYR B 40 -13.80 2.39 19.32
CA TYR B 40 -14.59 2.20 20.53
C TYR B 40 -14.27 3.27 21.56
N HIS B 41 -15.27 3.62 22.36
CA HIS B 41 -15.07 4.59 23.43
C HIS B 41 -14.62 3.71 24.58
N THR B 42 -13.44 4.01 25.10
CA THR B 42 -12.84 3.24 26.18
C THR B 42 -13.29 3.75 27.55
N SER B 43 -13.17 2.89 28.55
CA SER B 43 -13.55 3.27 29.89
C SER B 43 -12.37 3.18 30.86
N GLU B 45 -12.59 3.00 33.92
CA GLU B 45 -13.04 1.97 34.84
C GLU B 45 -12.54 0.62 34.34
N SER B 46 -12.74 0.37 33.04
CA SER B 46 -12.33 -0.85 32.40
C SER B 46 -10.84 -1.14 32.54
N GLY B 47 -10.01 -0.20 32.09
CA GLY B 47 -8.59 -0.37 32.15
C GLY B 47 -8.08 -0.63 30.75
N ARG B 48 -9.00 -0.69 29.79
CA ARG B 48 -8.59 -0.93 28.42
C ARG B 48 -8.44 0.36 27.63
N ASP B 49 -8.20 1.46 28.34
CA ASP B 49 -8.05 2.77 27.70
C ASP B 49 -6.58 3.13 27.46
N GLN B 50 -5.65 2.27 27.86
CA GLN B 50 -4.24 2.57 27.68
C GLN B 50 -3.73 2.17 26.27
N VAL B 51 -2.94 3.04 25.66
CA VAL B 51 -2.38 2.77 24.34
C VAL B 51 -0.86 2.76 24.48
N ARG B 52 -0.22 1.77 23.86
CA ARG B 52 1.24 1.64 23.95
C ARG B 52 1.94 2.74 23.17
N VAL B 53 2.96 3.34 23.77
CA VAL B 53 3.75 4.40 23.14
C VAL B 53 5.14 3.82 22.83
N ARG B 54 5.61 3.98 21.60
CA ARG B 54 6.91 3.45 21.23
C ARG B 54 7.71 4.47 20.41
N LEU B 55 9.01 4.48 20.64
CA LEU B 55 9.90 5.39 19.93
C LEU B 55 10.38 4.75 18.64
N LEU B 56 10.24 5.47 17.53
CA LEU B 56 10.70 4.97 16.23
C LEU B 56 12.22 5.12 16.17
N LYS B 57 12.88 4.21 15.47
CA LYS B 57 14.32 4.27 15.33
C LYS B 57 14.65 4.75 13.91
N HIS B 58 15.66 5.59 13.81
CA HIS B 58 16.05 6.10 12.50
C HIS B 58 17.06 5.14 11.86
N ASP B 59 16.75 4.64 10.67
CA ASP B 59 17.64 3.73 9.96
C ASP B 59 18.24 4.51 8.78
N PHE B 60 19.35 5.20 9.03
CA PHE B 60 19.97 6.02 7.99
C PHE B 60 20.39 5.27 6.74
N PRO B 61 21.00 4.08 6.90
CA PRO B 61 21.41 3.30 5.74
C PRO B 61 20.23 3.09 4.80
N ASN B 62 19.02 3.01 5.36
CA ASN B 62 17.84 2.83 4.51
C ASN B 62 16.98 4.06 4.37
N ASN B 63 17.44 5.18 4.94
CA ASN B 63 16.70 6.44 4.87
C ASN B 63 15.23 6.25 5.28
N ARG B 64 15.03 5.67 6.46
CA ARG B 64 13.71 5.40 6.99
C ARG B 64 13.68 5.36 8.50
N TYR B 65 12.47 5.42 9.04
CA TYR B 65 12.23 5.34 10.47
C TYR B 65 11.56 3.98 10.59
N GLU B 66 11.91 3.20 11.61
CA GLU B 66 11.28 1.90 11.75
C GLU B 66 10.95 1.48 13.17
N PHE B 67 9.96 0.61 13.29
CA PHE B 67 9.53 0.12 14.57
C PHE B 67 9.44 -1.39 14.51
N TRP B 68 10.06 -2.05 15.48
CA TRP B 68 10.04 -3.50 15.55
C TRP B 68 9.15 -3.93 16.71
N GLU B 69 8.12 -4.73 16.43
CA GLU B 69 7.26 -5.21 17.50
C GLU B 69 8.07 -6.19 18.30
N GLU B 70 7.58 -6.52 19.49
CA GLU B 70 8.25 -7.46 20.37
C GLU B 70 8.37 -8.84 19.74
N GLY B 71 9.60 -9.36 19.68
CA GLY B 71 9.83 -10.67 19.13
C GLY B 71 9.83 -10.74 17.61
N ALA B 72 9.81 -9.58 16.96
CA ALA B 72 9.79 -9.55 15.50
C ALA B 72 11.17 -9.85 14.93
N THR B 73 11.21 -10.48 13.77
CA THR B 73 12.48 -10.81 13.13
C THR B 73 12.77 -9.83 12.00
N GLY B 74 11.94 -8.80 11.90
CA GLY B 74 12.11 -7.78 10.87
C GLY B 74 11.28 -6.55 11.20
N PRO B 75 11.57 -5.39 10.58
CA PRO B 75 10.78 -4.19 10.88
C PRO B 75 9.28 -4.43 10.65
N THR B 76 8.44 -3.89 11.54
CA THR B 76 7.00 -4.05 11.41
C THR B 76 6.34 -2.85 10.74
N ILE B 77 6.77 -1.65 11.13
CA ILE B 77 6.23 -0.42 10.58
C ILE B 77 7.36 0.48 10.10
N LEU B 78 7.22 1.05 8.91
CA LEU B 78 8.24 1.93 8.35
C LEU B 78 7.69 3.30 8.02
N TRP B 79 8.54 4.31 8.05
CA TRP B 79 8.13 5.68 7.71
C TRP B 79 9.31 6.34 7.01
N THR B 80 9.18 6.57 5.71
CA THR B 80 10.23 7.22 4.93
C THR B 80 9.86 8.67 4.63
N PRO B 81 10.69 9.63 5.04
CA PRO B 81 10.43 11.05 4.82
C PRO B 81 10.38 11.49 3.36
N ASP B 82 10.49 10.51 2.46
CA ASP B 82 10.45 10.77 1.02
C ASP B 82 9.03 10.76 0.47
N ASN B 83 8.16 9.98 1.11
CA ASN B 83 6.76 9.90 0.67
C ASN B 83 5.95 11.03 1.30
N PRO B 84 5.67 10.97 2.60
CA PRO B 84 6.01 9.97 3.62
C PRO B 84 4.76 9.13 3.93
N GLY B 85 4.60 8.76 5.19
CA GLY B 85 3.44 7.98 5.59
C GLY B 85 3.75 6.63 6.20
N ILE B 86 2.74 5.99 6.78
CA ILE B 86 2.91 4.68 7.38
C ILE B 86 2.94 3.59 6.32
N GLU B 87 3.96 2.73 6.37
CA GLU B 87 4.05 1.63 5.43
C GLU B 87 4.52 0.40 6.17
N LEU B 88 4.06 -0.76 5.73
CA LEU B 88 4.44 -2.02 6.35
C LEU B 88 4.99 -2.97 5.28
N PRO B 89 6.05 -3.73 5.62
CA PRO B 89 6.63 -4.68 4.66
C PRO B 89 5.69 -5.84 4.40
N THR B 90 4.64 -5.93 5.21
CA THR B 90 3.65 -6.98 5.07
C THR B 90 2.40 -6.40 4.41
N ASP B 91 1.42 -7.26 4.12
CA ASP B 91 0.20 -6.82 3.48
C ASP B 91 -0.94 -6.70 4.48
N THR B 92 -0.65 -6.14 5.66
CA THR B 92 -1.66 -5.98 6.69
C THR B 92 -2.27 -4.58 6.64
N ALA B 93 -3.51 -4.46 7.09
CA ALA B 93 -4.19 -3.18 7.09
C ALA B 93 -3.64 -2.26 8.15
N HIS B 94 -3.73 -0.96 7.89
CA HIS B 94 -3.28 0.05 8.85
C HIS B 94 -3.99 1.38 8.62
N GLY B 95 -4.32 2.03 9.74
CA GLY B 95 -4.97 3.33 9.71
C GLY B 95 -4.14 4.22 10.64
N GLU B 96 -4.17 5.53 10.44
CA GLU B 96 -3.39 6.41 11.30
C GLU B 96 -3.84 7.85 11.30
N GLN B 97 -3.47 8.58 12.33
CA GLN B 97 -3.83 9.99 12.44
C GLN B 97 -2.88 10.62 13.43
N PRO B 98 -2.34 11.81 13.11
CA PRO B 98 -1.42 12.46 14.03
C PRO B 98 -2.12 12.73 15.36
N VAL B 99 -1.37 12.64 16.44
CA VAL B 99 -1.90 12.90 17.77
C VAL B 99 -2.07 14.41 17.96
N ILE B 100 -3.04 14.81 18.78
CA ILE B 100 -3.29 16.23 19.07
C ILE B 100 -2.16 16.71 19.99
N PRO B 101 -1.41 17.75 19.56
CA PRO B 101 -0.28 18.31 20.31
C PRO B 101 -0.60 18.80 21.73
N SER B 102 0.20 18.34 22.69
CA SER B 102 0.03 18.76 24.08
C SER B 102 -1.42 18.82 24.56
N ALA B 103 -2.14 17.73 24.37
CA ALA B 103 -3.53 17.66 24.77
C ALA B 103 -3.74 17.07 26.16
N ILE B 104 -4.96 17.19 26.66
CA ILE B 104 -5.33 16.64 27.97
C ILE B 104 -5.21 15.11 27.87
N PRO B 105 -4.51 14.49 28.84
CA PRO B 105 -4.33 13.03 28.85
C PRO B 105 -5.67 12.33 28.64
N GLY B 106 -5.79 11.59 27.55
CA GLY B 106 -7.05 10.92 27.26
C GLY B 106 -7.77 11.50 26.06
N LEU B 107 -7.37 12.69 25.62
CA LEU B 107 -8.01 13.33 24.47
C LEU B 107 -7.05 13.61 23.33
N GLU B 108 -5.86 13.00 23.39
CA GLU B 108 -4.83 13.23 22.39
C GLU B 108 -5.09 12.58 21.04
N ILE B 109 -6.01 11.62 20.99
CA ILE B 109 -6.30 10.94 19.72
C ILE B 109 -7.62 11.40 19.12
N PRO B 110 -7.57 12.10 17.98
CA PRO B 110 -8.79 12.57 17.34
C PRO B 110 -9.51 11.37 16.75
N GLU B 111 -10.84 11.45 16.67
CA GLU B 111 -11.60 10.35 16.12
C GLU B 111 -11.43 10.26 14.61
N ASP B 113 -11.75 9.77 10.69
CA ASP B 113 -12.84 10.25 9.85
C ASP B 113 -13.48 9.11 9.07
N ASP B 114 -14.81 9.15 8.97
CA ASP B 114 -15.53 8.13 8.25
C ASP B 114 -15.25 6.74 8.83
N VAL B 115 -15.09 6.67 10.15
CA VAL B 115 -14.86 5.40 10.84
C VAL B 115 -15.88 5.33 11.97
N SER B 116 -16.82 4.42 11.83
CA SER B 116 -17.86 4.27 12.83
C SER B 116 -17.38 3.81 14.20
N ILE B 117 -17.96 4.40 15.23
CA ILE B 117 -17.64 4.05 16.61
C ILE B 117 -18.80 3.19 17.11
N LEU B 118 -18.50 1.93 17.38
CA LEU B 118 -19.52 0.98 17.86
C LEU B 118 -19.73 1.10 19.36
N ALA B 119 -20.97 0.92 19.80
CA ALA B 119 -21.31 1.00 21.22
C ALA B 119 -21.49 -0.41 21.77
N THR B 120 -20.52 -1.27 21.49
CA THR B 120 -20.56 -2.65 21.92
C THR B 120 -19.60 -2.85 23.09
N PRO B 121 -19.69 -3.98 23.79
CA PRO B 121 -18.76 -4.17 24.90
C PRO B 121 -17.32 -4.18 24.39
N PRO B 123 -13.81 -4.99 23.21
CA PRO B 123 -13.17 -6.22 22.73
C PRO B 123 -11.96 -6.58 23.59
N ASP B 124 -11.53 -7.84 23.53
CA ASP B 124 -10.36 -8.28 24.29
C ASP B 124 -9.11 -7.58 23.75
N GLU B 125 -8.19 -7.22 24.65
CA GLU B 125 -6.95 -6.55 24.24
C GLU B 125 -6.26 -7.29 23.09
N LYS B 126 -6.44 -8.60 23.03
CA LYS B 126 -5.86 -9.44 21.99
C LYS B 126 -6.28 -9.02 20.59
N ASP B 127 -7.46 -8.41 20.48
CA ASP B 127 -7.95 -7.98 19.17
C ASP B 127 -7.55 -6.57 18.79
N PHE B 128 -6.73 -5.96 19.64
CA PHE B 128 -6.24 -4.61 19.38
C PHE B 128 -4.76 -4.66 19.06
N ARG B 129 -4.35 -3.88 18.08
CA ARG B 129 -2.96 -3.82 17.70
C ARG B 129 -2.67 -2.40 17.27
N ASP B 130 -2.66 -1.51 18.26
CA ASP B 130 -2.41 -0.10 18.02
C ASP B 130 -1.21 0.40 18.77
N TYR B 131 -0.72 1.57 18.36
CA TYR B 131 0.45 2.17 18.97
C TYR B 131 0.43 3.66 18.72
N ILE B 132 1.22 4.37 19.51
CA ILE B 132 1.42 5.80 19.34
C ILE B 132 2.92 5.76 19.08
N LEU B 133 3.33 6.16 17.87
CA LEU B 133 4.72 6.14 17.49
C LEU B 133 5.35 7.51 17.63
N VAL B 134 6.44 7.57 18.37
CA VAL B 134 7.14 8.82 18.59
C VAL B 134 8.43 8.86 17.78
N PHE B 135 8.67 9.99 17.13
CA PHE B 135 9.89 10.19 16.33
C PHE B 135 11.02 10.70 17.22
N PRO B 136 12.27 10.36 16.89
CA PRO B 136 13.44 10.78 17.67
C PRO B 136 13.52 12.25 18.07
N GLU B 137 13.81 13.14 17.13
CA GLU B 137 13.91 14.55 17.46
C GLU B 137 12.62 15.26 17.06
N ASN B 138 11.53 14.51 17.03
CA ASN B 138 10.25 15.07 16.63
C ASN B 138 10.31 15.55 15.21
N ALA B 139 11.12 14.87 14.40
CA ALA B 139 11.24 15.25 12.99
C ALA B 139 9.84 15.21 12.39
N PHE B 140 8.97 14.48 13.05
CA PHE B 140 7.58 14.36 12.62
C PHE B 140 6.74 14.29 13.88
N PRO B 141 5.48 14.75 13.80
CA PRO B 141 4.62 14.71 14.99
C PRO B 141 4.21 13.29 15.36
N PRO B 142 3.99 13.03 16.66
CA PRO B 142 3.59 11.68 17.09
C PRO B 142 2.36 11.23 16.33
N ILE B 143 2.31 9.94 16.00
CA ILE B 143 1.18 9.43 15.26
C ILE B 143 0.59 8.13 15.83
N TYR B 144 -0.73 8.08 15.87
CA TYR B 144 -1.44 6.91 16.34
C TYR B 144 -1.70 6.01 15.13
N VAL B 145 -1.43 4.71 15.30
CA VAL B 145 -1.65 3.76 14.21
C VAL B 145 -2.30 2.48 14.75
N TYR B 146 -3.25 1.93 14.00
CA TYR B 146 -3.89 0.67 14.39
C TYR B 146 -3.80 -0.27 13.19
N LEU B 147 -3.23 -1.45 13.44
CA LEU B 147 -3.01 -2.43 12.40
C LEU B 147 -3.98 -3.60 12.55
N SER B 148 -4.19 -4.35 11.47
CA SER B 148 -5.06 -5.51 11.54
C SER B 148 -4.29 -6.60 12.30
N LYS B 149 -5.01 -7.60 12.81
CA LYS B 149 -4.40 -8.70 13.57
C LYS B 149 -3.23 -9.34 12.83
N LEU B 150 -2.19 -9.72 13.56
CA LEU B 150 -1.02 -10.35 12.95
C LEU B 150 -1.31 -11.80 12.54
N LEU C 2 -11.73 15.07 5.47
CA LEU C 2 -10.30 15.19 5.60
C LEU C 2 -9.78 16.37 4.80
N LEU C 3 -8.75 17.04 5.30
CA LEU C 3 -8.18 18.19 4.61
C LEU C 3 -7.20 17.75 3.53
N THR C 4 -7.71 16.95 2.60
CA THR C 4 -6.91 16.43 1.48
C THR C 4 -6.45 17.55 0.55
N PRO C 5 -5.55 17.23 -0.39
CA PRO C 5 -5.07 18.25 -1.32
C PRO C 5 -6.24 18.83 -2.11
N GLU C 6 -7.25 17.99 -2.37
CA GLU C 6 -8.43 18.43 -3.11
C GLU C 6 -9.24 19.43 -2.31
N LYS C 7 -9.42 19.15 -1.02
CA LYS C 7 -10.17 20.05 -0.17
C LYS C 7 -9.43 21.38 -0.04
N LEU C 8 -8.11 21.32 0.16
CA LEU C 8 -7.32 22.55 0.30
C LEU C 8 -7.40 23.38 -0.97
N LEU C 9 -7.50 22.71 -2.11
CA LEU C 9 -7.57 23.39 -3.40
C LEU C 9 -8.95 24.02 -3.53
N GLU C 10 -9.96 23.37 -2.95
CA GLU C 10 -11.33 23.89 -2.98
C GLU C 10 -11.34 25.20 -2.20
N ALA C 11 -10.60 25.23 -1.09
CA ALA C 11 -10.54 26.43 -0.26
C ALA C 11 -9.75 27.54 -0.93
N ALA C 12 -8.62 27.17 -1.53
CA ALA C 12 -7.78 28.15 -2.20
C ALA C 12 -8.46 28.78 -3.41
N ASN C 13 -9.11 27.96 -4.24
CA ASN C 13 -9.75 28.48 -5.43
C ASN C 13 -10.77 29.57 -5.17
N LYS C 14 -11.34 29.56 -3.98
CA LYS C 14 -12.31 30.59 -3.64
C LYS C 14 -11.82 31.58 -2.59
N GLN C 15 -10.50 31.65 -2.39
CA GLN C 15 -9.93 32.58 -1.40
C GLN C 15 -10.57 32.30 -0.04
N GLY C 16 -10.77 31.02 0.26
CA GLY C 16 -11.39 30.64 1.52
C GLY C 16 -10.42 30.40 2.66
N THR C 17 -10.86 29.62 3.65
CA THR C 17 -10.03 29.35 4.81
C THR C 17 -10.27 27.93 5.32
N VAL C 18 -9.47 27.54 6.31
CA VAL C 18 -9.61 26.26 6.98
C VAL C 18 -9.24 26.48 8.43
N PRO C 19 -9.91 25.77 9.34
CA PRO C 19 -9.64 25.91 10.77
C PRO C 19 -8.24 25.38 11.13
N SER C 20 -7.71 25.86 12.24
CA SER C 20 -6.41 25.41 12.76
C SER C 20 -6.38 25.65 14.26
N ARG C 21 -6.02 24.61 14.99
CA ARG C 21 -5.93 24.65 16.44
C ARG C 21 -4.81 25.58 16.90
N VAL C 22 -3.86 25.87 16.01
CA VAL C 22 -2.76 26.73 16.38
C VAL C 22 -2.42 27.71 15.27
N ARG C 23 -2.05 28.93 15.65
CA ARG C 23 -1.67 29.95 14.67
C ARG C 23 -0.43 30.65 15.19
N TYR C 24 0.44 31.07 14.28
CA TYR C 24 1.69 31.72 14.67
C TYR C 24 1.78 33.18 14.23
N GLN C 25 2.65 33.92 14.90
CA GLN C 25 2.80 35.34 14.64
C GLN C 25 4.19 35.82 15.02
N TRP C 26 4.61 36.92 14.44
CA TRP C 26 5.89 37.52 14.77
C TRP C 26 5.56 38.73 15.64
N GLU C 28 6.34 41.99 17.99
CA GLU C 28 7.36 43.03 17.95
C GLU C 28 7.51 43.79 19.25
N ASP C 29 8.75 44.11 19.60
CA ASP C 29 9.08 44.88 20.80
C ASP C 29 9.14 46.35 20.39
N GLU C 30 8.11 47.11 20.75
CA GLU C 30 8.03 48.52 20.40
C GLU C 30 9.20 49.38 20.89
N GLU C 31 10.09 48.78 21.68
CA GLU C 31 11.22 49.50 22.21
C GLU C 31 12.55 49.23 21.49
N THR C 32 12.63 48.13 20.75
CA THR C 32 13.87 47.81 20.05
C THR C 32 13.63 47.43 18.60
N GLY C 33 12.39 47.09 18.27
CA GLY C 33 12.08 46.69 16.91
C GLY C 33 12.34 45.21 16.70
N ARG C 34 12.95 44.57 17.69
CA ARG C 34 13.25 43.13 17.60
C ARG C 34 11.96 42.34 17.52
N LEU C 35 12.01 41.22 16.82
CA LEU C 35 10.83 40.39 16.66
C LEU C 35 11.01 39.04 17.33
N LYS C 36 9.88 38.41 17.66
CA LYS C 36 9.90 37.10 18.30
C LYS C 36 8.74 36.26 17.81
N ALA C 37 9.05 35.03 17.41
CA ALA C 37 8.03 34.11 16.94
C ALA C 37 7.29 33.54 18.14
N VAL C 38 5.96 33.54 18.09
CA VAL C 38 5.10 33.01 19.15
C VAL C 38 3.85 32.43 18.52
N GLY C 39 3.29 31.41 19.17
CA GLY C 39 2.08 30.80 18.64
C GLY C 39 0.95 30.84 19.66
N TYR C 40 -0.27 30.51 19.24
CA TYR C 40 -1.39 30.52 20.14
C TYR C 40 -2.35 29.38 19.85
N HIS C 41 -3.00 28.89 20.89
CA HIS C 41 -3.99 27.84 20.72
C HIS C 41 -5.27 28.62 20.46
N THR C 42 -5.88 28.34 19.31
CA THR C 42 -7.08 29.04 18.89
C THR C 42 -8.34 28.37 19.42
N SER C 43 -9.42 29.14 19.46
CA SER C 43 -10.67 28.60 19.95
C SER C 43 -11.76 28.68 18.87
N GLU C 45 -14.78 28.54 19.42
CA GLU C 45 -15.75 29.45 20.04
C GLU C 45 -15.43 30.87 19.61
N SER C 46 -14.15 31.21 19.69
CA SER C 46 -13.66 32.53 19.31
C SER C 46 -13.99 32.91 17.87
N GLY C 47 -13.55 32.08 16.94
CA GLY C 47 -13.77 32.35 15.53
C GLY C 47 -12.45 32.78 14.91
N ARG C 48 -11.42 32.86 15.74
CA ARG C 48 -10.12 33.26 15.21
C ARG C 48 -9.25 32.05 14.90
N ASP C 49 -9.88 30.91 14.63
CA ASP C 49 -9.15 29.68 14.31
C ASP C 49 -9.02 29.44 12.81
N GLN C 50 -9.61 30.31 11.99
CA GLN C 50 -9.54 30.14 10.55
C GLN C 50 -8.26 30.72 9.95
N VAL C 51 -7.66 29.97 9.02
CA VAL C 51 -6.43 30.42 8.36
C VAL C 51 -6.71 30.51 6.86
N ARG C 52 -6.30 31.61 6.24
CA ARG C 52 -6.52 31.81 4.82
C ARG C 52 -5.72 30.84 3.96
N VAL C 53 -6.38 30.26 2.95
CA VAL C 53 -5.73 29.33 2.04
C VAL C 53 -5.62 30.01 0.68
N ARG C 54 -4.43 30.02 0.08
CA ARG C 54 -4.23 30.65 -1.21
C ARG C 54 -3.42 29.80 -2.15
N LEU C 55 -3.79 29.82 -3.43
CA LEU C 55 -3.10 29.05 -4.45
C LEU C 55 -1.93 29.85 -5.01
N LEU C 56 -0.75 29.23 -5.05
CA LEU C 56 0.44 29.89 -5.59
C LEU C 56 0.36 29.86 -7.11
N LYS C 57 0.88 30.88 -7.76
CA LYS C 57 0.88 30.93 -9.22
C LYS C 57 2.28 30.62 -9.71
N HIS C 58 2.38 29.87 -10.79
CA HIS C 58 3.68 29.52 -11.33
C HIS C 58 4.11 30.61 -12.32
N ASP C 59 5.27 31.19 -12.11
CA ASP C 59 5.80 32.23 -13.00
C ASP C 59 6.96 31.60 -13.76
N PHE C 60 6.67 30.98 -14.89
CA PHE C 60 7.72 30.31 -15.67
C PHE C 60 8.84 31.22 -16.15
N PRO C 61 8.49 32.41 -16.66
CA PRO C 61 9.53 33.33 -17.13
C PRO C 61 10.56 33.55 -16.03
N ASN C 62 10.14 33.49 -14.77
CA ASN C 62 11.09 33.69 -13.68
C ASN C 62 11.44 32.42 -12.94
N ASN C 63 10.91 31.29 -13.40
CA ASN C 63 11.18 29.99 -12.78
C ASN C 63 10.92 30.03 -11.26
N ARG C 64 9.71 30.48 -10.90
CA ARG C 64 9.32 30.61 -9.51
C ARG C 64 7.81 30.49 -9.33
N TYR C 65 7.42 30.29 -8.08
CA TYR C 65 6.02 30.22 -7.70
C TYR C 65 5.83 31.51 -6.92
N GLU C 66 4.72 32.20 -7.10
CA GLU C 66 4.53 33.44 -6.36
C GLU C 66 3.12 33.67 -5.86
N PHE C 67 3.03 34.46 -4.80
CA PHE C 67 1.75 34.80 -4.21
C PHE C 67 1.68 36.31 -4.02
N TRP C 68 0.58 36.89 -4.47
CA TRP C 68 0.37 38.33 -4.35
C TRP C 68 -0.71 38.59 -3.32
N GLU C 69 -0.39 39.34 -2.27
CA GLU C 69 -1.39 39.65 -1.27
C GLU C 69 -2.37 40.60 -1.94
N GLU C 70 -3.52 40.80 -1.28
CA GLU C 70 -4.55 41.68 -1.79
C GLU C 70 -4.07 43.12 -1.88
N GLY C 71 -4.18 43.70 -3.07
CA GLY C 71 -3.78 45.09 -3.27
C GLY C 71 -2.29 45.31 -3.42
N ALA C 72 -1.53 44.22 -3.55
CA ALA C 72 -0.09 44.34 -3.68
C ALA C 72 0.31 44.76 -5.09
N THR C 73 1.39 45.53 -5.18
CA THR C 73 1.87 45.99 -6.47
C THR C 73 3.03 45.15 -6.93
N GLY C 74 3.32 44.10 -6.19
CA GLY C 74 4.42 43.21 -6.54
C GLY C 74 4.30 41.89 -5.78
N PRO C 75 4.98 40.82 -6.21
CA PRO C 75 4.87 39.55 -5.49
C PRO C 75 5.25 39.69 -4.02
N THR C 76 4.50 39.05 -3.14
CA THR C 76 4.77 39.12 -1.70
C THR C 76 5.61 37.94 -1.22
N ILE C 77 5.28 36.74 -1.69
CA ILE C 77 6.00 35.53 -1.31
C ILE C 77 6.44 34.77 -2.56
N LEU C 78 7.69 34.31 -2.56
CA LEU C 78 8.23 33.56 -3.71
C LEU C 78 8.73 32.19 -3.27
N TRP C 79 8.72 31.24 -4.20
CA TRP C 79 9.22 29.90 -3.92
C TRP C 79 9.85 29.37 -5.21
N THR C 80 11.17 29.25 -5.22
CA THR C 80 11.89 28.77 -6.40
C THR C 80 12.35 27.34 -6.16
N PRO C 81 11.95 26.40 -7.03
CA PRO C 81 12.32 24.98 -6.91
C PRO C 81 13.82 24.70 -7.05
N ASP C 82 14.61 25.77 -7.16
CA ASP C 82 16.06 25.65 -7.30
C ASP C 82 16.75 25.63 -5.93
N ASN C 83 16.14 26.28 -4.94
CA ASN C 83 16.72 26.31 -3.60
C ASN C 83 16.30 25.07 -2.81
N PRO C 84 15.02 24.99 -2.40
CA PRO C 84 13.89 25.90 -2.56
C PRO C 84 13.64 26.61 -1.23
N GLY C 85 12.37 26.84 -0.91
CA GLY C 85 12.03 27.50 0.34
C GLY C 85 11.26 28.80 0.20
N ILE C 86 10.75 29.32 1.31
CA ILE C 86 9.99 30.56 1.30
C ILE C 86 10.95 31.75 1.25
N GLU C 87 10.72 32.66 0.30
CA GLU C 87 11.53 33.86 0.20
C GLU C 87 10.63 35.03 -0.10
N LEU C 88 11.00 36.21 0.40
CA LEU C 88 10.24 37.43 0.18
C LEU C 88 11.14 38.51 -0.40
N PRO C 89 10.63 39.32 -1.35
CA PRO C 89 11.42 40.38 -1.95
C PRO C 89 11.67 41.50 -0.96
N THR C 90 10.97 41.44 0.17
CA THR C 90 11.12 42.43 1.23
C THR C 90 11.96 41.83 2.34
N ASP C 91 12.27 42.64 3.35
CA ASP C 91 13.08 42.19 4.47
C ASP C 91 12.21 41.91 5.69
N THR C 92 11.08 41.26 5.48
CA THR C 92 10.18 40.93 6.58
C THR C 92 10.41 39.51 7.06
N ALA C 93 10.13 39.26 8.33
CA ALA C 93 10.32 37.94 8.91
C ALA C 93 9.28 36.95 8.38
N HIS C 94 9.67 35.68 8.38
CA HIS C 94 8.77 34.61 7.95
C HIS C 94 9.19 33.26 8.52
N GLY C 95 8.19 32.48 8.91
CA GLY C 95 8.41 31.14 9.43
C GLY C 95 7.48 30.24 8.65
N GLU C 96 7.78 28.95 8.55
CA GLU C 96 6.93 28.05 7.79
C GLU C 96 7.11 26.59 8.14
N GLN C 97 6.13 25.77 7.80
CA GLN C 97 6.20 24.35 8.08
C GLN C 97 5.18 23.67 7.20
N PRO C 98 5.55 22.57 6.54
CA PRO C 98 4.61 21.87 5.67
C PRO C 98 3.39 21.42 6.47
N VAL C 99 2.24 21.43 5.82
CA VAL C 99 1.00 21.02 6.45
C VAL C 99 0.96 19.51 6.52
N ILE C 100 0.29 18.96 7.54
CA ILE C 100 0.16 17.51 7.69
C ILE C 100 -0.82 17.01 6.63
N PRO C 101 -0.38 16.09 5.75
CA PRO C 101 -1.20 15.52 4.67
C PRO C 101 -2.51 14.89 5.09
N SER C 102 -3.60 15.29 4.43
CA SER C 102 -4.92 14.73 4.70
C SER C 102 -5.24 14.53 6.19
N ALA C 103 -5.06 15.59 6.97
CA ALA C 103 -5.31 15.52 8.41
C ALA C 103 -6.72 15.93 8.79
N ILE C 104 -7.08 15.69 10.05
CA ILE C 104 -8.39 16.07 10.57
C ILE C 104 -8.46 17.60 10.55
N PRO C 105 -9.54 18.17 10.02
CA PRO C 105 -9.69 19.63 9.95
C PRO C 105 -9.42 20.27 11.30
N GLY C 106 -8.38 21.10 11.37
CA GLY C 106 -8.04 21.73 12.63
C GLY C 106 -6.71 21.23 13.17
N LEU C 107 -6.22 20.12 12.64
CA LEU C 107 -4.96 19.53 13.12
C LEU C 107 -3.91 19.43 12.02
N GLU C 108 -4.15 20.11 10.92
CA GLU C 108 -3.23 20.06 9.78
C GLU C 108 -1.93 20.82 9.96
N ILE C 109 -1.87 21.72 10.93
CA ILE C 109 -0.66 22.49 11.16
C ILE C 109 0.13 22.01 12.38
N PRO C 110 1.31 21.42 12.15
CA PRO C 110 2.13 20.93 13.28
C PRO C 110 2.70 22.13 14.02
N GLU C 111 2.90 21.99 15.32
CA GLU C 111 3.42 23.08 16.11
C GLU C 111 4.90 23.34 15.82
N ASP C 113 8.75 24.20 15.78
CA ASP C 113 9.73 23.73 16.74
C ASP C 113 10.47 24.90 17.39
N ASP C 114 10.71 24.78 18.69
CA ASP C 114 11.41 25.81 19.41
C ASP C 114 10.68 27.16 19.30
N VAL C 115 9.36 27.10 19.27
CA VAL C 115 8.53 28.31 19.21
C VAL C 115 7.51 28.20 20.34
N SER C 116 7.65 29.06 21.32
CA SER C 116 6.76 29.03 22.47
C SER C 116 5.30 29.39 22.16
N ILE C 117 4.39 28.66 22.78
CA ILE C 117 2.98 28.89 22.62
C ILE C 117 2.54 29.60 23.89
N LEU C 118 2.10 30.85 23.74
CA LEU C 118 1.67 31.67 24.85
C LEU C 118 0.21 31.39 25.23
N ALA C 119 -0.11 31.43 26.52
CA ALA C 119 -1.48 31.20 26.98
C ALA C 119 -2.12 32.55 27.33
N THR C 120 -2.04 33.49 26.40
CA THR C 120 -2.58 34.81 26.60
C THR C 120 -3.85 34.94 25.76
N PRO C 121 -4.65 36.00 26.02
CA PRO C 121 -5.87 36.13 25.20
C PRO C 121 -5.50 36.27 23.73
N PRO C 123 -4.79 37.45 20.18
CA PRO C 123 -4.50 38.77 19.62
C PRO C 123 -5.52 39.13 18.53
N ASP C 124 -5.62 40.41 18.18
CA ASP C 124 -6.54 40.83 17.13
C ASP C 124 -6.07 40.28 15.78
N GLU C 125 -7.01 39.89 14.93
CA GLU C 125 -6.68 39.35 13.62
C GLU C 125 -5.68 40.26 12.87
N LYS C 126 -5.73 41.56 13.15
CA LYS C 126 -4.84 42.53 12.53
C LYS C 126 -3.36 42.24 12.77
N ASP C 127 -3.07 41.54 13.87
CA ASP C 127 -1.69 41.23 14.21
C ASP C 127 -1.22 39.89 13.66
N PHE C 128 -2.09 39.24 12.90
CA PHE C 128 -1.77 37.96 12.28
C PHE C 128 -1.62 38.15 10.80
N ARG C 129 -0.62 37.51 10.21
CA ARG C 129 -0.41 37.60 8.78
C ARG C 129 0.12 36.25 8.34
N ASP C 130 -0.78 35.26 8.37
CA ASP C 130 -0.43 33.90 8.00
C ASP C 130 -1.27 33.39 6.84
N TYR C 131 -0.79 32.32 6.21
CA TYR C 131 -1.45 31.73 5.06
C TYR C 131 -1.07 30.27 4.96
N ILE C 132 -1.87 29.55 4.18
CA ILE C 132 -1.58 28.16 3.86
C ILE C 132 -1.48 28.31 2.34
N LEU C 133 -0.29 28.09 1.80
CA LEU C 133 -0.06 28.23 0.37
C LEU C 133 -0.14 26.89 -0.33
N VAL C 134 -0.98 26.82 -1.36
CA VAL C 134 -1.14 25.60 -2.11
C VAL C 134 -0.48 25.73 -3.48
N PHE C 135 0.24 24.68 -3.88
CA PHE C 135 0.91 24.66 -5.17
C PHE C 135 -0.04 24.14 -6.24
N PRO C 136 0.12 24.60 -7.50
CA PRO C 136 -0.74 24.18 -8.61
C PRO C 136 -1.01 22.68 -8.76
N GLU C 137 -0.02 21.92 -9.21
CA GLU C 137 -0.23 20.48 -9.38
C GLU C 137 0.37 19.73 -8.20
N ASN C 138 0.45 20.41 -7.06
CA ASN C 138 1.02 19.81 -5.87
C ASN C 138 2.48 19.49 -6.11
N ALA C 139 3.13 20.29 -6.94
CA ALA C 139 4.55 20.07 -7.23
C ALA C 139 5.28 20.06 -5.91
N PHE C 140 4.65 20.67 -4.91
CA PHE C 140 5.21 20.74 -3.57
C PHE C 140 4.04 20.63 -2.61
N PRO C 141 4.30 20.09 -1.40
CA PRO C 141 3.22 19.95 -0.42
C PRO C 141 2.75 21.30 0.13
N PRO C 142 1.48 21.41 0.51
CA PRO C 142 0.98 22.68 1.05
C PRO C 142 1.81 23.13 2.24
N ILE C 143 2.04 24.44 2.34
CA ILE C 143 2.84 24.95 3.41
C ILE C 143 2.23 26.15 4.15
N TYR C 144 2.32 26.10 5.47
CA TYR C 144 1.79 27.17 6.31
C TYR C 144 2.92 28.17 6.53
N VAL C 145 2.63 29.45 6.38
CA VAL C 145 3.64 30.48 6.56
C VAL C 145 3.06 31.68 7.33
N TYR C 146 3.83 32.24 8.25
CA TYR C 146 3.39 33.40 9.03
C TYR C 146 4.48 34.45 8.88
N LEU C 147 4.08 35.63 8.44
CA LEU C 147 4.99 36.74 8.20
C LEU C 147 4.83 37.83 9.25
N SER C 148 5.86 38.66 9.41
CA SER C 148 5.77 39.75 10.36
C SER C 148 4.83 40.80 9.77
N LYS C 149 4.32 41.69 10.62
CA LYS C 149 3.40 42.73 10.17
C LYS C 149 3.96 43.53 8.99
N LEU C 150 3.07 43.91 8.07
CA LEU C 150 3.49 44.66 6.89
C LEU C 150 3.81 46.13 7.24
N LEU D 2 17.83 -10.04 -14.69
CA LEU D 2 16.54 -10.72 -14.67
C LEU D 2 15.44 -9.78 -14.19
N LEU D 3 14.25 -9.92 -14.77
CA LEU D 3 13.13 -9.07 -14.41
C LEU D 3 12.45 -9.57 -13.13
N THR D 4 13.23 -9.63 -12.06
CA THR D 4 12.75 -10.09 -10.75
C THR D 4 11.73 -9.14 -10.16
N PRO D 5 11.08 -9.55 -9.07
CA PRO D 5 10.08 -8.67 -8.45
C PRO D 5 10.74 -7.36 -8.00
N GLU D 6 12.02 -7.43 -7.64
CA GLU D 6 12.75 -6.25 -7.20
C GLU D 6 12.98 -5.30 -8.37
N LYS D 7 13.35 -5.85 -9.52
CA LYS D 7 13.58 -5.02 -10.69
C LYS D 7 12.26 -4.38 -11.14
N LEU D 8 11.19 -5.15 -11.15
CA LEU D 8 9.89 -4.62 -11.57
C LEU D 8 9.44 -3.50 -10.63
N LEU D 9 9.80 -3.63 -9.35
CA LEU D 9 9.45 -2.63 -8.36
C LEU D 9 10.30 -1.38 -8.60
N GLU D 10 11.53 -1.59 -9.05
CA GLU D 10 12.43 -0.47 -9.35
C GLU D 10 11.81 0.34 -10.50
N ALA D 11 11.22 -0.35 -11.46
CA ALA D 11 10.61 0.31 -12.61
C ALA D 11 9.30 0.99 -12.22
N ALA D 12 8.51 0.33 -11.39
CA ALA D 12 7.24 0.90 -10.97
C ALA D 12 7.41 2.13 -10.09
N ASN D 13 8.33 2.07 -9.15
CA ASN D 13 8.55 3.20 -8.24
C ASN D 13 8.86 4.49 -8.96
N LYS D 14 9.44 4.40 -10.15
CA LYS D 14 9.77 5.62 -10.90
C LYS D 14 8.89 5.81 -12.14
N GLN D 15 7.74 5.13 -12.20
CA GLN D 15 6.83 5.25 -13.35
C GLN D 15 7.60 4.92 -14.61
N GLY D 16 8.44 3.89 -14.52
CA GLY D 16 9.24 3.49 -15.67
C GLY D 16 8.61 2.45 -16.56
N THR D 17 9.45 1.73 -17.31
CA THR D 17 8.97 0.71 -18.23
C THR D 17 9.92 -0.47 -18.31
N VAL D 18 9.50 -1.50 -19.04
CA VAL D 18 10.32 -2.68 -19.28
C VAL D 18 9.99 -3.15 -20.67
N PRO D 19 10.99 -3.67 -21.39
CA PRO D 19 10.77 -4.17 -22.75
C PRO D 19 9.89 -5.41 -22.75
N SER D 20 9.24 -5.66 -23.88
CA SER D 20 8.39 -6.84 -24.09
C SER D 20 8.34 -7.15 -25.58
N ARG D 21 8.60 -8.40 -25.90
CA ARG D 21 8.59 -8.88 -27.27
C ARG D 21 7.19 -8.86 -27.85
N VAL D 22 6.16 -8.82 -27.00
CA VAL D 22 4.80 -8.80 -27.48
C VAL D 22 3.95 -7.83 -26.70
N ARG D 23 3.03 -7.17 -27.40
CA ARG D 23 2.12 -6.22 -26.75
C ARG D 23 0.72 -6.49 -27.29
N TYR D 24 -0.30 -6.24 -26.48
CA TYR D 24 -1.68 -6.48 -26.88
C TYR D 24 -2.54 -5.24 -26.90
N GLN D 25 -3.61 -5.30 -27.68
CA GLN D 25 -4.51 -4.17 -27.84
C GLN D 25 -5.92 -4.63 -28.17
N TRP D 26 -6.88 -3.76 -27.93
CA TRP D 26 -8.26 -4.04 -28.26
C TRP D 26 -8.58 -3.19 -29.47
N GLU D 28 -10.77 -1.72 -32.59
CA GLU D 28 -12.18 -1.41 -32.76
C GLU D 28 -12.62 -1.28 -34.21
N ASP D 29 -13.82 -1.77 -34.49
CA ASP D 29 -14.42 -1.72 -35.81
C ASP D 29 -15.27 -0.44 -35.87
N GLU D 30 -14.76 0.58 -36.57
CA GLU D 30 -15.43 1.87 -36.68
C GLU D 30 -16.84 1.80 -37.26
N GLU D 31 -17.24 0.61 -37.72
CA GLU D 31 -18.56 0.43 -38.31
C GLU D 31 -19.59 -0.22 -37.40
N THR D 32 -19.15 -0.89 -36.34
CA THR D 32 -20.08 -1.55 -35.43
C THR D 32 -19.76 -1.26 -33.97
N GLY D 33 -18.54 -0.80 -33.71
CA GLY D 33 -18.16 -0.53 -32.33
C GLY D 33 -17.65 -1.78 -31.64
N ARG D 34 -17.77 -2.93 -32.31
CA ARG D 34 -17.29 -4.19 -31.74
C ARG D 34 -15.79 -4.15 -31.58
N LEU D 35 -15.28 -4.85 -30.58
CA LEU D 35 -13.86 -4.87 -30.32
C LEU D 35 -13.26 -6.24 -30.51
N LYS D 36 -11.96 -6.29 -30.78
CA LYS D 36 -11.26 -7.54 -30.98
C LYS D 36 -9.87 -7.46 -30.38
N ALA D 37 -9.51 -8.49 -29.61
CA ALA D 37 -8.20 -8.55 -29.01
C ALA D 37 -7.18 -9.01 -30.06
N VAL D 38 -6.06 -8.29 -30.15
CA VAL D 38 -4.98 -8.62 -31.09
C VAL D 38 -3.66 -8.27 -30.46
N GLY D 39 -2.62 -9.02 -30.82
CA GLY D 39 -1.30 -8.73 -30.28
C GLY D 39 -0.30 -8.46 -31.39
N TYR D 40 0.87 -7.95 -31.04
CA TYR D 40 1.89 -7.67 -32.05
C TYR D 40 3.28 -8.01 -31.52
N HIS D 41 4.15 -8.40 -32.43
CA HIS D 41 5.52 -8.69 -32.07
C HIS D 41 6.20 -7.34 -32.21
N THR D 42 6.79 -6.87 -31.12
CA THR D 42 7.44 -5.57 -31.07
C THR D 42 8.88 -5.64 -31.53
N SER D 43 9.42 -4.51 -31.95
CA SER D 43 10.80 -4.45 -32.39
C SER D 43 11.63 -3.50 -31.52
N GLU D 45 14.32 -2.27 -32.34
CA GLU D 45 14.71 -1.25 -33.32
C GLU D 45 13.68 -0.13 -33.30
N SER D 46 12.41 -0.52 -33.34
CA SER D 46 11.29 0.40 -33.33
C SER D 46 11.30 1.34 -32.12
N GLY D 47 11.30 0.75 -30.93
CA GLY D 47 11.27 1.54 -29.72
C GLY D 47 9.89 1.40 -29.11
N ARG D 48 9.00 0.70 -29.80
CA ARG D 48 7.66 0.54 -29.27
C ARG D 48 7.50 -0.77 -28.48
N ASP D 49 8.62 -1.29 -27.97
CA ASP D 49 8.59 -2.54 -27.20
C ASP D 49 8.51 -2.29 -25.69
N GLN D 50 8.52 -1.03 -25.27
CA GLN D 50 8.47 -0.74 -23.84
C GLN D 50 7.03 -0.75 -23.28
N VAL D 51 6.85 -1.37 -22.12
CA VAL D 51 5.54 -1.42 -21.48
C VAL D 51 5.65 -0.70 -20.12
N ARG D 52 4.68 0.15 -19.82
CA ARG D 52 4.69 0.91 -18.58
C ARG D 52 4.44 0.01 -17.37
N VAL D 53 5.25 0.19 -16.33
CA VAL D 53 5.12 -0.58 -15.09
C VAL D 53 4.60 0.38 -14.00
N ARG D 54 3.55 -0.03 -13.31
CA ARG D 54 2.97 0.80 -12.26
C ARG D 54 2.67 0.00 -11.00
N LEU D 55 2.87 0.64 -9.85
CA LEU D 55 2.62 0.00 -8.57
C LEU D 55 1.18 0.23 -8.15
N LEU D 56 0.49 -0.85 -7.79
CA LEU D 56 -0.89 -0.76 -7.33
C LEU D 56 -0.89 -0.26 -5.90
N LYS D 57 -1.91 0.51 -5.53
CA LYS D 57 -2.02 1.03 -4.17
C LYS D 57 -3.09 0.24 -3.44
N HIS D 58 -2.84 -0.08 -2.17
CA HIS D 58 -3.81 -0.83 -1.39
C HIS D 58 -4.79 0.14 -0.74
N ASP D 59 -6.08 -0.05 -1.00
CA ASP D 59 -7.12 0.81 -0.42
C ASP D 59 -7.84 -0.04 0.63
N PHE D 60 -7.33 -0.03 1.86
CA PHE D 60 -7.92 -0.83 2.93
C PHE D 60 -9.37 -0.52 3.24
N PRO D 61 -9.74 0.77 3.30
CA PRO D 61 -11.13 1.13 3.58
C PRO D 61 -12.07 0.44 2.60
N ASN D 62 -11.59 0.19 1.38
CA ASN D 62 -12.43 -0.49 0.40
C ASN D 62 -12.02 -1.92 0.14
N ASN D 63 -11.03 -2.42 0.87
CA ASN D 63 -10.55 -3.79 0.71
C ASN D 63 -10.26 -4.10 -0.76
N ARG D 64 -9.44 -3.25 -1.39
CA ARG D 64 -9.07 -3.40 -2.79
C ARG D 64 -7.72 -2.79 -3.10
N TYR D 65 -7.20 -3.15 -4.27
CA TYR D 65 -5.95 -2.63 -4.77
C TYR D 65 -6.43 -1.76 -5.92
N GLU D 66 -5.83 -0.59 -6.10
CA GLU D 66 -6.26 0.27 -7.21
C GLU D 66 -5.15 1.01 -7.92
N PHE D 67 -5.41 1.34 -9.17
CA PHE D 67 -4.46 2.07 -9.98
C PHE D 67 -5.18 3.24 -10.63
N TRP D 68 -4.58 4.41 -10.51
CA TRP D 68 -5.14 5.61 -11.11
C TRP D 68 -4.27 6.03 -12.30
N GLU D 69 -4.87 6.14 -13.48
CA GLU D 69 -4.10 6.56 -14.64
C GLU D 69 -3.80 8.04 -14.43
N GLU D 70 -2.87 8.55 -15.23
CA GLU D 70 -2.49 9.95 -15.14
C GLU D 70 -3.64 10.90 -15.45
N GLY D 71 -3.91 11.80 -14.52
CA GLY D 71 -4.98 12.77 -14.73
C GLY D 71 -6.38 12.23 -14.49
N ALA D 72 -6.47 11.02 -13.93
CA ALA D 72 -7.78 10.42 -13.67
C ALA D 72 -8.42 11.03 -12.44
N THR D 73 -9.74 11.12 -12.43
CA THR D 73 -10.46 11.67 -11.30
C THR D 73 -11.05 10.56 -10.47
N GLY D 74 -10.70 9.33 -10.80
CA GLY D 74 -11.20 8.18 -10.06
C GLY D 74 -10.38 6.94 -10.38
N PRO D 75 -10.45 5.88 -9.57
CA PRO D 75 -9.66 4.68 -9.87
C PRO D 75 -9.96 4.14 -11.26
N THR D 76 -8.93 3.69 -11.97
CA THR D 76 -9.11 3.15 -13.33
C THR D 76 -9.20 1.62 -13.33
N ILE D 77 -8.33 0.99 -12.55
CA ILE D 77 -8.31 -0.46 -12.45
C ILE D 77 -8.35 -0.89 -10.98
N LEU D 78 -9.17 -1.89 -10.68
CA LEU D 78 -9.31 -2.38 -9.31
C LEU D 78 -9.02 -3.87 -9.23
N TRP D 79 -8.56 -4.32 -8.07
CA TRP D 79 -8.29 -5.74 -7.85
C TRP D 79 -8.64 -6.04 -6.39
N THR D 80 -9.71 -6.80 -6.19
CA THR D 80 -10.15 -7.18 -4.84
C THR D 80 -9.79 -8.64 -4.57
N PRO D 81 -9.00 -8.90 -3.51
CA PRO D 81 -8.58 -10.26 -3.15
C PRO D 81 -9.73 -11.20 -2.75
N ASP D 82 -10.97 -10.72 -2.88
CA ASP D 82 -12.16 -11.50 -2.56
C ASP D 82 -12.66 -12.31 -3.75
N ASN D 83 -12.41 -11.80 -4.95
CA ASN D 83 -12.83 -12.51 -6.17
C ASN D 83 -11.79 -13.54 -6.58
N PRO D 84 -10.62 -13.09 -7.09
CA PRO D 84 -10.13 -11.74 -7.35
C PRO D 84 -10.20 -11.46 -8.86
N GLY D 85 -9.22 -10.74 -9.38
CA GLY D 85 -9.19 -10.44 -10.81
C GLY D 85 -9.22 -8.97 -11.16
N ILE D 86 -8.97 -8.66 -12.43
CA ILE D 86 -8.98 -7.29 -12.89
C ILE D 86 -10.42 -6.80 -13.08
N GLU D 87 -10.74 -5.65 -12.52
CA GLU D 87 -12.07 -5.08 -12.69
C GLU D 87 -11.91 -3.58 -12.88
N LEU D 88 -12.82 -3.01 -13.67
CA LEU D 88 -12.80 -1.57 -13.93
C LEU D 88 -14.17 -0.97 -13.61
N PRO D 89 -14.19 0.23 -13.01
CA PRO D 89 -15.47 0.88 -12.68
C PRO D 89 -16.20 1.32 -13.94
N THR D 90 -15.50 1.26 -15.06
CA THR D 90 -16.07 1.64 -16.34
C THR D 90 -16.42 0.37 -17.12
N ASP D 91 -17.03 0.55 -18.28
CA ASP D 91 -17.43 -0.59 -19.10
C ASP D 91 -16.47 -0.80 -20.26
N THR D 92 -15.16 -0.67 -19.99
CA THR D 92 -14.17 -0.84 -21.04
C THR D 92 -13.60 -2.25 -21.03
N ALA D 93 -13.16 -2.70 -22.20
CA ALA D 93 -12.60 -4.05 -22.31
C ALA D 93 -11.24 -4.14 -21.64
N HIS D 94 -10.91 -5.34 -21.17
CA HIS D 94 -9.63 -5.61 -20.55
C HIS D 94 -9.25 -7.08 -20.63
N GLY D 95 -7.96 -7.32 -20.87
CA GLY D 95 -7.44 -8.67 -20.94
C GLY D 95 -6.22 -8.67 -20.03
N GLU D 96 -5.83 -9.82 -19.51
CA GLU D 96 -4.68 -9.87 -18.62
C GLU D 96 -4.07 -11.25 -18.46
N GLN D 97 -2.82 -11.28 -18.03
CA GLN D 97 -2.13 -12.55 -17.83
C GLN D 97 -0.96 -12.27 -16.89
N PRO D 98 -0.74 -13.14 -15.90
CA PRO D 98 0.38 -12.91 -14.98
C PRO D 98 1.70 -12.92 -15.74
N VAL D 99 2.64 -12.10 -15.30
CA VAL D 99 3.93 -12.03 -15.91
C VAL D 99 4.76 -13.25 -15.51
N ILE D 100 5.67 -13.68 -16.39
CA ILE D 100 6.54 -14.83 -16.11
C ILE D 100 7.57 -14.38 -15.07
N PRO D 101 7.63 -15.07 -13.91
CA PRO D 101 8.56 -14.76 -12.81
C PRO D 101 10.04 -14.74 -13.17
N SER D 102 10.71 -13.66 -12.81
CA SER D 102 12.14 -13.52 -13.04
C SER D 102 12.61 -14.01 -14.41
N ALA D 103 11.97 -13.52 -15.45
CA ALA D 103 12.30 -13.90 -16.81
C ALA D 103 13.31 -12.96 -17.47
N ILE D 104 13.82 -13.39 -18.63
CA ILE D 104 14.76 -12.60 -19.40
C ILE D 104 14.03 -11.33 -19.87
N PRO D 105 14.63 -10.14 -19.67
CA PRO D 105 14.01 -8.88 -20.07
C PRO D 105 13.54 -8.95 -21.52
N GLY D 106 12.23 -8.84 -21.72
CA GLY D 106 11.67 -8.92 -23.06
C GLY D 106 10.84 -10.18 -23.26
N LEU D 107 10.95 -11.15 -22.36
CA LEU D 107 10.20 -12.39 -22.48
C LEU D 107 9.28 -12.64 -21.29
N GLU D 108 9.07 -11.61 -20.47
CA GLU D 108 8.26 -11.76 -19.27
C GLU D 108 6.76 -11.85 -19.51
N ILE D 109 6.31 -11.48 -20.71
CA ILE D 109 4.88 -11.54 -21.01
C ILE D 109 4.53 -12.73 -21.92
N PRO D 110 3.80 -13.72 -21.38
CA PRO D 110 3.43 -14.88 -22.19
C PRO D 110 2.39 -14.44 -23.20
N GLU D 111 2.36 -15.09 -24.35
CA GLU D 111 1.39 -14.73 -25.37
C GLU D 111 -0.02 -15.18 -24.97
N ASP D 113 -3.77 -16.44 -24.75
CA ASP D 113 -4.32 -17.63 -25.39
C ASP D 113 -5.50 -17.27 -26.28
N ASP D 114 -5.57 -17.92 -27.44
CA ASP D 114 -6.66 -17.68 -28.36
C ASP D 114 -6.74 -16.19 -28.76
N VAL D 115 -5.57 -15.55 -28.87
CA VAL D 115 -5.50 -14.16 -29.29
C VAL D 115 -4.51 -14.10 -30.44
N SER D 116 -5.01 -13.80 -31.62
CA SER D 116 -4.18 -13.74 -32.80
C SER D 116 -3.13 -12.63 -32.79
N ILE D 117 -1.94 -12.95 -33.27
CA ILE D 117 -0.85 -12.00 -33.36
C ILE D 117 -0.75 -11.61 -34.83
N LEU D 118 -1.05 -10.35 -35.12
CA LEU D 118 -1.02 -9.83 -36.48
C LEU D 118 0.38 -9.43 -36.90
N ALA D 119 0.71 -9.66 -38.17
CA ALA D 119 2.03 -9.29 -38.71
C ALA D 119 1.91 -8.01 -39.52
N THR D 120 1.29 -7.00 -38.92
CA THR D 120 1.09 -5.72 -39.57
C THR D 120 2.06 -4.70 -38.98
N PRO D 121 2.20 -3.54 -39.63
CA PRO D 121 3.14 -2.56 -39.07
C PRO D 121 2.65 -2.12 -37.67
N PRO D 123 1.23 -0.43 -34.61
CA PRO D 123 0.27 0.66 -34.43
C PRO D 123 0.88 1.81 -33.62
N ASP D 124 0.30 3.01 -33.72
CA ASP D 124 0.81 4.17 -32.97
C ASP D 124 0.59 3.91 -31.47
N GLU D 125 1.55 4.36 -30.67
CA GLU D 125 1.47 4.19 -29.21
C GLU D 125 0.10 4.64 -28.66
N LYS D 126 -0.51 5.62 -29.33
CA LYS D 126 -1.81 6.15 -28.95
C LYS D 126 -2.90 5.07 -28.92
N ASP D 127 -2.73 4.02 -29.70
CA ASP D 127 -3.73 2.96 -29.75
C ASP D 127 -3.47 1.82 -28.78
N PHE D 128 -2.44 1.99 -27.95
CA PHE D 128 -2.09 1.00 -26.94
C PHE D 128 -2.41 1.56 -25.58
N ARG D 129 -2.96 0.72 -24.71
CA ARG D 129 -3.29 1.14 -23.36
C ARG D 129 -3.07 -0.06 -22.46
N ASP D 130 -1.80 -0.41 -22.30
CA ASP D 130 -1.41 -1.55 -21.48
C ASP D 130 -0.51 -1.14 -20.32
N TYR D 131 -0.39 -2.04 -19.36
CA TYR D 131 0.41 -1.79 -18.17
C TYR D 131 0.83 -3.11 -17.58
N ILE D 132 1.85 -3.05 -16.73
CA ILE D 132 2.30 -4.20 -15.96
C ILE D 132 2.04 -3.62 -14.57
N LEU D 133 1.12 -4.25 -13.84
CA LEU D 133 0.76 -3.78 -12.51
C LEU D 133 1.47 -4.58 -11.43
N VAL D 134 2.17 -3.86 -10.56
CA VAL D 134 2.89 -4.50 -9.49
C VAL D 134 2.17 -4.30 -8.15
N PHE D 135 2.08 -5.37 -7.37
CA PHE D 135 1.43 -5.31 -6.06
C PHE D 135 2.45 -4.89 -5.00
N PRO D 136 2.00 -4.21 -3.94
CA PRO D 136 2.89 -3.75 -2.86
C PRO D 136 3.89 -4.77 -2.30
N GLU D 137 3.41 -5.72 -1.51
CA GLU D 137 4.31 -6.72 -0.93
C GLU D 137 4.26 -7.99 -1.75
N ASN D 138 3.92 -7.86 -3.03
CA ASN D 138 3.81 -9.03 -3.89
C ASN D 138 2.71 -9.94 -3.40
N ALA D 139 1.69 -9.36 -2.78
CA ALA D 139 0.57 -10.16 -2.28
C ALA D 139 0.02 -10.96 -3.43
N PHE D 140 0.31 -10.48 -4.63
CA PHE D 140 -0.12 -11.14 -5.85
C PHE D 140 0.99 -10.97 -6.87
N PRO D 141 1.12 -11.91 -7.81
CA PRO D 141 2.17 -11.79 -8.82
C PRO D 141 1.91 -10.65 -9.81
N PRO D 142 2.98 -10.04 -10.34
CA PRO D 142 2.77 -8.95 -11.30
C PRO D 142 1.90 -9.40 -12.46
N ILE D 143 1.05 -8.50 -12.94
CA ILE D 143 0.16 -8.85 -14.03
C ILE D 143 0.12 -7.82 -15.16
N TYR D 144 0.15 -8.33 -16.39
CA TYR D 144 0.08 -7.49 -17.57
C TYR D 144 -1.41 -7.34 -17.94
N VAL D 145 -1.82 -6.11 -18.23
CA VAL D 145 -3.20 -5.85 -18.61
C VAL D 145 -3.25 -4.87 -19.78
N TYR D 146 -4.16 -5.11 -20.73
CA TYR D 146 -4.35 -4.21 -21.86
C TYR D 146 -5.83 -3.86 -21.92
N LEU D 147 -6.12 -2.57 -21.91
CA LEU D 147 -7.48 -2.07 -21.91
C LEU D 147 -7.84 -1.49 -23.26
N SER D 148 -9.14 -1.39 -23.55
CA SER D 148 -9.56 -0.78 -24.80
C SER D 148 -9.34 0.72 -24.67
N LYS D 149 -9.32 1.44 -25.79
CA LYS D 149 -9.10 2.89 -25.81
C LYS D 149 -10.05 3.62 -24.87
N LEU D 150 -9.56 4.67 -24.21
CA LEU D 150 -10.37 5.45 -23.29
C LEU D 150 -11.37 6.34 -24.04
#